data_6JFV
#
_entry.id   6JFV
#
_cell.length_a   56.149
_cell.length_b   56.149
_cell.length_c   222.054
_cell.angle_alpha   90.00
_cell.angle_beta   90.00
_cell.angle_gamma   90.00
#
_symmetry.space_group_name_H-M   'P 41'
#
loop_
_entity.id
_entity.type
_entity.pdbx_description
1 polymer 'Keratin, type I cytoskeletal 14'
2 polymer 'Keratin, type II cytoskeletal 5'
3 water water
#
loop_
_entity_poly.entity_id
_entity_poly.type
_entity_poly.pdbx_seq_one_letter_code
_entity_poly.pdbx_strand_id
1 'polypeptide(L)'
;GKSEISELRRTMQNLEIELQSQLSMKASLENSLEETKGRYAMQLAQIQEMIGSVEEQLAQLRCEMEQQNQEYKILLDVKT
RLEQEIATYRRLLEG
;
A,C
2 'polypeptide(L)'
;LRNTKHEISEMNRMIQRLRAEIDNVKKQCANLQNAIADAEQRGELALKDARNKLAELEEALQKAKQDMARLLREYQELMN
TKLALDVEIATYRKLLEG
;
B,D
#
# COMPACT_ATOMS: atom_id res chain seq x y z
N GLY A 1 8.10 -18.66 -85.60
CA GLY A 1 7.88 -20.07 -85.35
C GLY A 1 8.56 -20.55 -84.09
N LYS A 2 9.87 -20.30 -83.99
CA LYS A 2 10.66 -20.76 -82.86
C LYS A 2 10.48 -19.86 -81.65
N SER A 3 9.68 -18.80 -81.80
CA SER A 3 9.53 -17.80 -80.76
C SER A 3 8.65 -18.28 -79.61
N GLU A 4 7.69 -19.15 -79.91
CA GLU A 4 6.75 -19.63 -78.91
C GLU A 4 7.44 -20.38 -77.78
N ILE A 5 8.34 -21.30 -78.13
CA ILE A 5 9.07 -22.07 -77.14
C ILE A 5 9.97 -21.14 -76.34
N SER A 6 10.29 -20.00 -76.94
CA SER A 6 11.17 -19.01 -76.30
C SER A 6 10.39 -18.20 -75.27
N GLU A 7 9.19 -17.76 -75.64
CA GLU A 7 8.34 -17.00 -74.72
C GLU A 7 7.96 -17.86 -73.51
N LEU A 8 7.97 -19.17 -73.71
CA LEU A 8 7.56 -20.12 -72.66
C LEU A 8 8.62 -20.31 -71.58
N ARG A 9 9.87 -20.41 -72.00
CA ARG A 9 10.99 -20.43 -71.05
C ARG A 9 10.95 -19.15 -70.23
N ARG A 10 10.74 -18.03 -70.91
CA ARG A 10 10.61 -16.72 -70.25
C ARG A 10 9.58 -16.76 -69.13
N THR A 11 8.37 -17.19 -69.46
CA THR A 11 7.26 -17.20 -68.51
C THR A 11 7.42 -18.33 -67.49
N MET A 12 7.96 -19.44 -67.94
CA MET A 12 8.28 -20.57 -67.07
C MET A 12 9.23 -20.17 -65.95
N GLN A 13 10.37 -19.56 -66.32
CA GLN A 13 11.39 -19.16 -65.34
C GLN A 13 10.89 -18.03 -64.46
N ASN A 14 10.04 -17.18 -65.00
CA ASN A 14 9.37 -16.14 -64.22
C ASN A 14 8.59 -16.74 -63.06
N LEU A 15 7.84 -17.79 -63.34
CA LEU A 15 7.10 -18.52 -62.32
C LEU A 15 8.02 -19.08 -61.25
N GLU A 16 9.13 -19.68 -61.68
CA GLU A 16 10.08 -20.27 -60.75
C GLU A 16 10.56 -19.27 -59.71
N ILE A 17 10.66 -18.00 -60.12
CA ILE A 17 11.07 -16.94 -59.20
C ILE A 17 9.94 -16.52 -58.28
N GLU A 18 8.71 -16.60 -58.78
CA GLU A 18 7.56 -16.32 -57.95
C GLU A 18 7.39 -17.42 -56.90
N LEU A 19 7.76 -18.64 -57.28
CA LEU A 19 7.78 -19.75 -56.35
C LEU A 19 8.79 -19.49 -55.25
N GLN A 20 10.01 -19.12 -55.64
CA GLN A 20 11.06 -18.82 -54.69
C GLN A 20 10.59 -17.75 -53.73
N SER A 21 9.84 -16.79 -54.26
CA SER A 21 9.34 -15.68 -53.46
C SER A 21 8.27 -16.16 -52.47
N GLN A 22 7.47 -17.12 -52.91
CA GLN A 22 6.42 -17.70 -52.08
C GLN A 22 6.99 -18.58 -50.97
N LEU A 23 7.98 -19.39 -51.33
CA LEU A 23 8.63 -20.25 -50.35
C LEU A 23 9.34 -19.41 -49.30
N SER A 24 9.99 -18.34 -49.74
CA SER A 24 10.68 -17.43 -48.84
C SER A 24 9.70 -16.80 -47.85
N MET A 25 8.51 -16.46 -48.35
CA MET A 25 7.45 -15.89 -47.52
C MET A 25 6.96 -16.90 -46.49
N LYS A 26 6.55 -18.06 -46.98
CA LYS A 26 6.13 -19.20 -46.16
C LYS A 26 7.14 -19.49 -45.05
N ALA A 27 8.41 -19.62 -45.43
CA ALA A 27 9.48 -19.91 -44.48
C ALA A 27 9.62 -18.81 -43.42
N SER A 28 9.44 -17.57 -43.85
CA SER A 28 9.56 -16.43 -42.96
C SER A 28 8.34 -16.33 -42.04
N LEU A 29 7.21 -16.87 -42.51
CA LEU A 29 5.98 -16.92 -41.70
C LEU A 29 6.11 -17.97 -40.61
N GLU A 30 6.60 -19.14 -41.00
CA GLU A 30 6.83 -20.24 -40.07
C GLU A 30 7.71 -19.76 -38.91
N ASN A 31 8.80 -19.09 -39.23
CA ASN A 31 9.64 -18.47 -38.21
C ASN A 31 8.79 -17.66 -37.24
N SER A 32 8.01 -16.73 -37.78
CA SER A 32 7.29 -15.76 -36.95
C SER A 32 6.26 -16.39 -36.01
N LEU A 33 5.61 -17.44 -36.49
CA LEU A 33 4.62 -18.13 -35.69
C LEU A 33 5.24 -18.81 -34.48
N GLU A 34 6.14 -19.77 -34.72
CA GLU A 34 6.83 -20.45 -33.63
C GLU A 34 7.39 -19.42 -32.66
N GLU A 35 8.00 -18.36 -33.20
CA GLU A 35 8.60 -17.32 -32.39
C GLU A 35 7.57 -16.59 -31.54
N THR A 36 6.39 -16.35 -32.10
CA THR A 36 5.30 -15.75 -31.35
C THR A 36 4.89 -16.68 -30.22
N LYS A 37 4.54 -17.91 -30.57
CA LYS A 37 4.14 -18.92 -29.59
C LYS A 37 5.13 -19.02 -28.44
N GLY A 38 6.40 -18.78 -28.74
CA GLY A 38 7.45 -18.81 -27.74
C GLY A 38 7.42 -17.60 -26.81
N ARG A 39 7.44 -16.39 -27.38
CA ARG A 39 7.52 -15.16 -26.58
C ARG A 39 6.44 -15.08 -25.51
N TYR A 40 5.23 -15.48 -25.88
CA TYR A 40 4.12 -15.39 -24.95
C TYR A 40 4.13 -16.53 -23.93
N ALA A 41 4.40 -17.74 -24.37
CA ALA A 41 4.48 -18.89 -23.48
C ALA A 41 5.45 -18.63 -22.33
N MET A 42 6.53 -17.92 -22.65
CA MET A 42 7.59 -17.67 -21.68
C MET A 42 7.32 -16.43 -20.84
N GLN A 43 6.80 -15.36 -21.45
CA GLN A 43 6.41 -14.19 -20.69
C GLN A 43 5.28 -14.59 -19.74
N LEU A 44 4.38 -15.42 -20.22
CA LEU A 44 3.29 -15.92 -19.38
C LEU A 44 3.85 -16.75 -18.24
N ALA A 45 4.68 -17.73 -18.58
CA ALA A 45 5.35 -18.54 -17.57
C ALA A 45 6.03 -17.65 -16.54
N GLN A 46 6.64 -16.56 -17.00
CA GLN A 46 7.29 -15.60 -16.11
C GLN A 46 6.32 -14.95 -15.14
N ILE A 47 5.15 -14.56 -15.64
CA ILE A 47 4.13 -13.91 -14.80
C ILE A 47 3.47 -14.92 -13.89
N GLN A 48 3.23 -16.13 -14.41
CA GLN A 48 2.66 -17.21 -13.62
C GLN A 48 3.54 -17.49 -12.41
N GLU A 49 4.84 -17.34 -12.60
CA GLU A 49 5.80 -17.54 -11.51
C GLU A 49 5.71 -16.43 -10.47
N MET A 50 5.66 -15.18 -10.93
CA MET A 50 5.50 -14.04 -10.02
C MET A 50 4.22 -14.21 -9.21
N ILE A 51 3.17 -14.69 -9.88
CA ILE A 51 1.88 -14.90 -9.24
C ILE A 51 1.95 -15.91 -8.09
N GLY A 52 2.56 -17.05 -8.36
CA GLY A 52 2.72 -18.09 -7.35
C GLY A 52 3.48 -17.62 -6.12
N SER A 53 4.54 -16.83 -6.35
CA SER A 53 5.33 -16.28 -5.26
C SER A 53 4.44 -15.49 -4.29
N VAL A 54 3.64 -14.59 -4.85
CA VAL A 54 2.75 -13.75 -4.05
C VAL A 54 1.70 -14.59 -3.32
N GLU A 55 1.17 -15.60 -4.00
CA GLU A 55 0.16 -16.45 -3.39
C GLU A 55 0.70 -17.18 -2.17
N GLU A 56 1.95 -17.62 -2.23
CA GLU A 56 2.60 -18.25 -1.08
C GLU A 56 2.74 -17.27 0.07
N GLN A 57 3.33 -16.10 -0.22
CA GLN A 57 3.48 -15.05 0.77
C GLN A 57 2.15 -14.79 1.48
N LEU A 58 1.08 -14.73 0.69
CA LEU A 58 -0.27 -14.47 1.20
C LEU A 58 -0.75 -15.60 2.10
N ALA A 59 -0.57 -16.83 1.64
CA ALA A 59 -0.95 -18.01 2.40
C ALA A 59 -0.25 -18.04 3.75
N GLN A 60 1.05 -17.76 3.75
CA GLN A 60 1.85 -17.71 4.98
C GLN A 60 1.25 -16.71 5.96
N LEU A 61 1.00 -15.50 5.47
CA LEU A 61 0.52 -14.43 6.31
C LEU A 61 -0.77 -14.81 7.01
N ARG A 62 -1.69 -15.40 6.26
CA ARG A 62 -2.97 -15.84 6.82
C ARG A 62 -2.79 -16.92 7.89
N CYS A 63 -1.82 -17.82 7.69
CA CYS A 63 -1.51 -18.82 8.72
C CYS A 63 -0.97 -18.12 9.96
N GLU A 64 -0.23 -17.04 9.75
CA GLU A 64 0.30 -16.28 10.86
C GLU A 64 -0.80 -15.46 11.49
N MET A 65 -1.70 -14.93 10.66
CA MET A 65 -2.84 -14.19 11.14
C MET A 65 -3.78 -15.10 11.91
N GLU A 66 -3.81 -16.37 11.53
CA GLU A 66 -4.54 -17.37 12.29
C GLU A 66 -3.99 -17.47 13.71
N GLN A 67 -2.68 -17.64 13.82
CA GLN A 67 -2.03 -17.82 15.13
C GLN A 67 -2.12 -16.56 15.99
N GLN A 68 -2.24 -15.39 15.36
CA GLN A 68 -2.20 -14.11 16.08
C GLN A 68 -3.54 -13.67 16.67
N ASN A 69 -4.64 -14.16 16.11
CA ASN A 69 -5.96 -13.97 16.71
C ASN A 69 -6.18 -14.99 17.81
N GLN A 70 -5.62 -16.18 17.58
CA GLN A 70 -5.64 -17.25 18.56
C GLN A 70 -4.91 -16.79 19.83
N GLU A 71 -3.75 -16.16 19.61
CA GLU A 71 -2.94 -15.62 20.69
C GLU A 71 -3.72 -14.57 21.47
N TYR A 72 -4.42 -13.70 20.75
CA TYR A 72 -5.26 -12.68 21.35
C TYR A 72 -6.32 -13.30 22.25
N LYS A 73 -6.94 -14.37 21.78
CA LYS A 73 -8.01 -15.03 22.54
C LYS A 73 -7.49 -15.53 23.88
N ILE A 74 -6.32 -16.15 23.85
CA ILE A 74 -5.67 -16.63 25.06
C ILE A 74 -5.49 -15.49 26.04
N LEU A 75 -4.84 -14.45 25.55
CA LEU A 75 -4.61 -13.25 26.32
C LEU A 75 -5.89 -12.77 26.97
N LEU A 76 -6.99 -12.84 26.22
CA LEU A 76 -8.28 -12.38 26.70
C LEU A 76 -8.81 -13.30 27.81
N ASP A 77 -8.81 -14.61 27.57
CA ASP A 77 -9.27 -15.59 28.56
C ASP A 77 -8.48 -15.49 29.86
N VAL A 78 -7.39 -14.74 29.82
CA VAL A 78 -6.59 -14.49 31.00
C VAL A 78 -7.00 -13.18 31.64
N LYS A 79 -6.90 -12.10 30.88
CA LYS A 79 -7.28 -10.76 31.35
C LYS A 79 -8.66 -10.78 32.01
N THR A 80 -9.51 -11.71 31.56
CA THR A 80 -10.84 -11.87 32.13
C THR A 80 -10.77 -12.52 33.51
N ARG A 81 -9.99 -13.60 33.61
CA ARG A 81 -9.77 -14.27 34.88
C ARG A 81 -9.21 -13.31 35.91
N LEU A 82 -8.35 -12.41 35.45
CA LEU A 82 -7.74 -11.42 36.33
C LEU A 82 -8.81 -10.44 36.79
N GLU A 83 -9.53 -9.86 35.84
CA GLU A 83 -10.67 -9.01 36.18
C GLU A 83 -11.49 -9.67 37.27
N GLN A 84 -11.79 -10.96 37.07
CA GLN A 84 -12.49 -11.77 38.05
C GLN A 84 -11.76 -11.78 39.39
N GLU A 85 -10.43 -11.89 39.31
CA GLU A 85 -9.57 -12.00 40.48
C GLU A 85 -9.56 -10.71 41.32
N ILE A 86 -9.40 -9.55 40.68
CA ILE A 86 -9.47 -8.28 41.40
C ILE A 86 -10.87 -8.06 41.92
N ALA A 87 -11.87 -8.42 41.10
CA ALA A 87 -13.26 -8.31 41.49
C ALA A 87 -13.47 -8.98 42.84
N THR A 88 -12.88 -10.16 42.99
CA THR A 88 -13.00 -10.93 44.22
C THR A 88 -12.29 -10.26 45.39
N TYR A 89 -11.06 -9.82 45.18
CA TYR A 89 -10.30 -9.14 46.22
C TYR A 89 -11.02 -7.86 46.66
N ARG A 90 -11.58 -7.13 45.70
CA ARG A 90 -12.35 -5.92 46.01
C ARG A 90 -13.62 -6.25 46.78
N ARG A 91 -14.12 -7.46 46.58
CA ARG A 91 -15.32 -7.92 47.24
C ARG A 91 -15.05 -8.23 48.71
N LEU A 92 -13.79 -8.47 49.02
CA LEU A 92 -13.41 -8.83 50.38
C LEU A 92 -13.35 -7.61 51.29
N LEU A 93 -13.30 -6.43 50.69
CA LEU A 93 -13.21 -5.20 51.47
C LEU A 93 -14.58 -4.57 51.66
N THR B 4 9.85 -33.10 -81.30
CA THR B 4 10.26 -31.76 -81.74
C THR B 4 9.12 -30.63 -81.44
N LYS B 5 7.96 -30.84 -82.05
CA LYS B 5 6.74 -30.14 -81.78
C LYS B 5 6.20 -30.45 -80.35
N HIS B 6 6.59 -31.60 -79.80
CA HIS B 6 6.10 -32.10 -78.51
C HIS B 6 6.51 -31.19 -77.35
N GLU B 7 7.54 -30.38 -77.56
CA GLU B 7 8.10 -29.51 -76.52
C GLU B 7 7.12 -28.46 -75.95
N ILE B 8 6.38 -27.78 -76.82
CA ILE B 8 5.43 -26.76 -76.37
C ILE B 8 4.29 -27.37 -75.57
N SER B 9 3.99 -28.64 -75.83
CA SER B 9 2.89 -29.35 -75.17
C SER B 9 3.13 -29.59 -73.67
N GLU B 10 4.37 -29.87 -73.31
CA GLU B 10 4.71 -30.13 -71.90
C GLU B 10 5.15 -28.89 -71.14
N MET B 11 5.89 -27.99 -71.79
CA MET B 11 6.26 -26.73 -71.17
C MET B 11 5.00 -26.07 -70.60
N ASN B 12 3.89 -26.25 -71.32
CA ASN B 12 2.60 -25.70 -70.90
C ASN B 12 1.96 -26.52 -69.79
N ARG B 13 2.02 -27.83 -69.92
CA ARG B 13 1.54 -28.70 -68.85
C ARG B 13 2.26 -28.37 -67.55
N MET B 14 3.56 -28.09 -67.65
CA MET B 14 4.38 -27.76 -66.50
C MET B 14 4.05 -26.38 -65.93
N ILE B 15 3.91 -25.39 -66.80
CA ILE B 15 3.54 -24.06 -66.36
C ILE B 15 2.20 -24.09 -65.62
N GLN B 16 1.30 -24.98 -66.06
CA GLN B 16 0.04 -25.21 -65.36
C GLN B 16 0.31 -25.72 -63.96
N ARG B 17 1.20 -26.71 -63.86
CA ARG B 17 1.55 -27.32 -62.58
C ARG B 17 2.18 -26.32 -61.61
N LEU B 18 3.09 -25.49 -62.13
CA LEU B 18 3.83 -24.53 -61.29
C LEU B 18 2.90 -23.48 -60.68
N ARG B 19 1.97 -22.98 -61.49
CA ARG B 19 0.99 -22.03 -60.98
C ARG B 19 0.18 -22.68 -59.85
N ALA B 20 -0.28 -23.91 -60.09
CA ALA B 20 -1.07 -24.63 -59.09
C ALA B 20 -0.27 -24.81 -57.81
N GLU B 21 1.02 -25.05 -57.97
CA GLU B 21 1.93 -25.17 -56.84
C GLU B 21 2.00 -23.84 -56.08
N ILE B 22 2.19 -22.75 -56.82
CA ILE B 22 2.28 -21.41 -56.23
C ILE B 22 0.95 -21.02 -55.58
N ASP B 23 -0.15 -21.43 -56.20
CA ASP B 23 -1.49 -21.15 -55.66
C ASP B 23 -1.65 -21.78 -54.27
N ASN B 24 -0.95 -22.88 -54.03
CA ASN B 24 -1.07 -23.59 -52.76
C ASN B 24 -0.20 -22.97 -51.67
N VAL B 25 1.00 -22.53 -52.03
CA VAL B 25 1.85 -21.79 -51.10
C VAL B 25 1.15 -20.49 -50.70
N LYS B 26 0.48 -19.87 -51.66
CA LYS B 26 -0.33 -18.68 -51.39
C LYS B 26 -1.48 -19.01 -50.43
N LYS B 27 -2.22 -20.07 -50.74
CA LYS B 27 -3.33 -20.52 -49.90
C LYS B 27 -2.84 -20.95 -48.51
N GLN B 28 -1.59 -21.38 -48.45
CA GLN B 28 -0.98 -21.80 -47.20
C GLN B 28 -0.54 -20.60 -46.37
N CYS B 29 0.15 -19.66 -47.01
CA CYS B 29 0.67 -18.48 -46.33
C CYS B 29 -0.45 -17.64 -45.73
N ALA B 30 -1.66 -17.83 -46.24
CA ALA B 30 -2.83 -17.07 -45.76
C ALA B 30 -3.39 -17.62 -44.45
N ASN B 31 -3.49 -18.94 -44.37
CA ASN B 31 -3.90 -19.59 -43.12
C ASN B 31 -2.86 -19.30 -42.05
N LEU B 32 -1.59 -19.17 -42.47
CA LEU B 32 -0.49 -18.86 -41.56
C LEU B 32 -0.67 -17.51 -40.85
N GLN B 33 -0.89 -16.46 -41.63
CA GLN B 33 -1.06 -15.13 -41.03
C GLN B 33 -2.20 -15.18 -40.03
N ASN B 34 -3.29 -15.84 -40.39
CA ASN B 34 -4.43 -15.99 -39.49
C ASN B 34 -3.97 -16.67 -38.20
N ALA B 35 -3.10 -17.66 -38.36
CA ALA B 35 -2.60 -18.45 -37.24
C ALA B 35 -1.81 -17.59 -36.28
N ILE B 36 -0.90 -16.80 -36.85
CA ILE B 36 -0.11 -15.86 -36.09
C ILE B 36 -1.01 -14.82 -35.45
N ALA B 37 -1.91 -14.24 -36.25
CA ALA B 37 -2.91 -13.33 -35.73
C ALA B 37 -3.58 -13.94 -34.51
N ASP B 38 -4.00 -15.21 -34.66
CA ASP B 38 -4.67 -15.93 -33.60
C ASP B 38 -3.70 -16.19 -32.45
N ALA B 39 -2.44 -16.44 -32.81
CA ALA B 39 -1.39 -16.63 -31.82
C ALA B 39 -1.27 -15.41 -30.91
N GLU B 40 -1.14 -14.24 -31.51
CA GLU B 40 -0.96 -13.02 -30.73
C GLU B 40 -2.26 -12.53 -30.07
N GLN B 41 -3.40 -12.88 -30.65
CA GLN B 41 -4.67 -12.54 -30.02
C GLN B 41 -4.82 -13.34 -28.73
N ARG B 42 -4.64 -14.66 -28.86
CA ARG B 42 -4.65 -15.55 -27.71
C ARG B 42 -3.65 -15.06 -26.66
N GLY B 43 -2.44 -14.76 -27.14
CA GLY B 43 -1.35 -14.41 -26.26
C GLY B 43 -1.57 -13.17 -25.42
N GLU B 44 -1.78 -12.04 -26.09
CA GLU B 44 -1.90 -10.75 -25.41
C GLU B 44 -2.91 -10.86 -24.28
N LEU B 45 -3.91 -11.71 -24.50
CA LEU B 45 -4.97 -11.92 -23.52
C LEU B 45 -4.48 -12.65 -22.27
N ALA B 46 -3.74 -13.74 -22.47
CA ALA B 46 -3.21 -14.52 -21.36
C ALA B 46 -2.32 -13.66 -20.47
N LEU B 47 -1.45 -12.86 -21.09
CA LEU B 47 -0.60 -11.93 -20.36
C LEU B 47 -1.47 -10.94 -19.61
N LYS B 48 -2.45 -10.39 -20.32
CA LYS B 48 -3.41 -9.49 -19.71
C LYS B 48 -4.01 -10.13 -18.47
N ASP B 49 -4.66 -11.27 -18.64
CA ASP B 49 -5.27 -11.99 -17.52
C ASP B 49 -4.28 -12.24 -16.40
N ALA B 50 -3.11 -12.75 -16.77
CA ALA B 50 -2.06 -13.01 -15.79
C ALA B 50 -1.78 -11.74 -14.99
N ARG B 51 -1.25 -10.73 -15.67
CA ARG B 51 -0.95 -9.45 -15.02
C ARG B 51 -2.04 -9.08 -14.02
N ASN B 52 -3.29 -9.28 -14.41
CA ASN B 52 -4.43 -8.89 -13.58
C ASN B 52 -4.49 -9.66 -12.28
N LYS B 53 -4.43 -10.99 -12.38
CA LYS B 53 -4.43 -11.84 -11.20
C LYS B 53 -3.32 -11.40 -10.25
N LEU B 54 -2.17 -11.06 -10.83
CA LEU B 54 -0.98 -10.68 -10.06
C LEU B 54 -1.24 -9.47 -9.17
N ALA B 55 -1.73 -8.40 -9.77
CA ALA B 55 -2.01 -7.18 -9.02
C ALA B 55 -3.11 -7.44 -7.99
N GLU B 56 -4.13 -8.19 -8.41
CA GLU B 56 -5.22 -8.58 -7.52
C GLU B 56 -4.71 -9.15 -6.21
N LEU B 57 -3.67 -9.98 -6.30
CA LEU B 57 -3.03 -10.57 -5.12
C LEU B 57 -2.08 -9.60 -4.43
N GLU B 58 -1.24 -8.93 -5.22
CA GLU B 58 -0.40 -7.87 -4.69
C GLU B 58 -1.27 -6.97 -3.81
N GLU B 59 -2.47 -6.71 -4.30
CA GLU B 59 -3.47 -5.92 -3.57
C GLU B 59 -3.91 -6.59 -2.26
N ALA B 60 -4.25 -7.88 -2.32
CA ALA B 60 -4.74 -8.60 -1.15
C ALA B 60 -3.65 -8.74 -0.11
N LEU B 61 -2.42 -8.88 -0.57
CA LEU B 61 -1.27 -9.00 0.30
C LEU B 61 -1.15 -7.76 1.16
N GLN B 62 -0.93 -6.61 0.52
CA GLN B 62 -0.83 -5.33 1.22
C GLN B 62 -2.02 -5.13 2.13
N LYS B 63 -3.20 -5.46 1.62
CA LYS B 63 -4.42 -5.37 2.41
C LYS B 63 -4.26 -6.21 3.66
N ALA B 64 -3.89 -7.47 3.48
CA ALA B 64 -3.62 -8.36 4.60
C ALA B 64 -2.52 -7.84 5.52
N LYS B 65 -1.39 -7.43 4.94
CA LYS B 65 -0.28 -6.86 5.71
C LYS B 65 -0.77 -5.90 6.79
N GLN B 66 -1.67 -4.99 6.40
CA GLN B 66 -2.17 -3.96 7.30
C GLN B 66 -3.05 -4.55 8.40
N ASP B 67 -3.87 -5.52 8.03
CA ASP B 67 -4.77 -6.16 8.97
C ASP B 67 -3.97 -6.77 10.11
N MET B 68 -2.87 -7.44 9.75
CA MET B 68 -1.97 -8.00 10.75
C MET B 68 -1.40 -6.91 11.64
N ALA B 69 -0.76 -5.92 11.02
CA ALA B 69 -0.23 -4.79 11.75
C ALA B 69 -1.27 -4.31 12.77
N ARG B 70 -2.54 -4.35 12.34
CA ARG B 70 -3.66 -3.91 13.16
C ARG B 70 -3.88 -4.85 14.35
N LEU B 71 -4.06 -6.12 14.07
CA LEU B 71 -4.29 -7.11 15.12
C LEU B 71 -3.14 -7.11 16.15
N LEU B 72 -1.98 -6.65 15.71
CA LEU B 72 -0.81 -6.59 16.58
C LEU B 72 -0.92 -5.41 17.53
N ARG B 73 -1.35 -4.27 17.01
CA ARG B 73 -1.72 -3.17 17.88
C ARG B 73 -2.84 -3.61 18.82
N GLU B 74 -3.81 -4.36 18.29
CA GLU B 74 -4.92 -4.87 19.09
C GLU B 74 -4.42 -5.75 20.25
N TYR B 75 -3.43 -6.58 19.96
CA TYR B 75 -2.88 -7.49 20.95
C TYR B 75 -2.04 -6.75 21.99
N GLN B 76 -1.15 -5.88 21.50
CA GLN B 76 -0.36 -5.02 22.37
C GLN B 76 -1.24 -4.24 23.34
N GLU B 77 -2.28 -3.60 22.81
CA GLU B 77 -3.22 -2.85 23.63
C GLU B 77 -3.92 -3.73 24.68
N LEU B 78 -4.27 -4.95 24.31
CA LEU B 78 -4.87 -5.90 25.26
C LEU B 78 -3.87 -6.31 26.32
N MET B 79 -2.62 -6.44 25.92
CA MET B 79 -1.56 -6.79 26.86
C MET B 79 -1.23 -5.69 27.87
N ASN B 80 -1.26 -4.44 27.43
CA ASN B 80 -1.01 -3.31 28.32
C ASN B 80 -1.90 -3.35 29.55
N THR B 81 -3.18 -3.68 29.33
CA THR B 81 -4.16 -3.72 30.40
C THR B 81 -4.00 -4.95 31.29
N LYS B 82 -3.67 -6.09 30.68
CA LYS B 82 -3.51 -7.35 31.42
C LYS B 82 -2.37 -7.25 32.43
N LEU B 83 -1.22 -6.74 31.99
CA LEU B 83 -0.10 -6.50 32.90
C LEU B 83 -0.41 -5.39 33.89
N ALA B 84 -1.40 -4.56 33.56
CA ALA B 84 -1.87 -3.50 34.44
C ALA B 84 -2.79 -4.03 35.55
N LEU B 85 -3.46 -5.14 35.25
CA LEU B 85 -4.29 -5.83 36.24
C LEU B 85 -3.40 -6.68 37.15
N ASP B 86 -2.27 -7.13 36.59
CA ASP B 86 -1.29 -7.91 37.36
C ASP B 86 -0.82 -7.15 38.61
N VAL B 87 -0.69 -5.84 38.49
CA VAL B 87 -0.20 -5.01 39.57
C VAL B 87 -1.31 -4.57 40.53
N GLU B 88 -2.55 -4.61 40.05
CA GLU B 88 -3.69 -4.41 40.93
C GLU B 88 -3.86 -5.66 41.80
N ILE B 89 -3.71 -6.84 41.19
CA ILE B 89 -3.73 -8.10 41.92
C ILE B 89 -2.67 -8.10 43.01
N ALA B 90 -1.51 -7.56 42.67
CA ALA B 90 -0.38 -7.49 43.62
C ALA B 90 -0.66 -6.54 44.78
N THR B 91 -1.06 -5.30 44.48
CA THR B 91 -1.32 -4.32 45.52
C THR B 91 -2.53 -4.72 46.38
N TYR B 92 -3.28 -5.71 45.92
CA TYR B 92 -4.47 -6.17 46.65
C TYR B 92 -4.22 -7.50 47.38
N ARG B 93 -3.27 -8.28 46.90
CA ARG B 93 -2.78 -9.44 47.65
C ARG B 93 -2.02 -8.95 48.87
N LYS B 94 -1.21 -7.91 48.66
CA LYS B 94 -0.46 -7.27 49.73
C LYS B 94 -1.38 -6.81 50.85
N LEU B 95 -2.39 -6.02 50.48
CA LEU B 95 -3.32 -5.46 51.46
C LEU B 95 -3.98 -6.56 52.30
N LEU B 96 -4.21 -7.71 51.68
CA LEU B 96 -4.75 -8.88 52.39
C LEU B 96 -3.80 -9.44 53.45
N GLU B 97 -2.65 -9.95 53.00
CA GLU B 97 -1.69 -10.59 53.88
C GLU B 97 -0.75 -9.60 54.56
N GLY B 98 -1.20 -8.34 54.63
CA GLY B 98 -0.43 -7.30 55.29
C GLY B 98 0.98 -7.14 54.75
N SER C 3 33.59 34.27 71.01
CA SER C 3 34.44 33.09 70.90
C SER C 3 33.88 32.07 69.91
N GLU C 4 32.74 31.48 70.26
CA GLU C 4 32.18 30.38 69.47
C GLU C 4 31.70 30.83 68.09
N ILE C 5 31.84 32.12 67.79
CA ILE C 5 31.34 32.67 66.52
C ILE C 5 31.95 32.02 65.28
N SER C 6 33.19 31.56 65.39
CA SER C 6 33.87 30.95 64.25
C SER C 6 33.14 29.70 63.78
N GLU C 7 32.73 28.87 64.73
CA GLU C 7 31.97 27.65 64.43
C GLU C 7 30.74 28.02 63.63
N LEU C 8 30.36 29.29 63.70
CA LEU C 8 29.14 29.81 63.07
C LEU C 8 29.39 30.39 61.68
N ARG C 9 30.50 31.12 61.55
CA ARG C 9 30.94 31.60 60.25
C ARG C 9 31.17 30.39 59.36
N ARG C 10 31.74 29.35 59.97
CA ARG C 10 32.13 28.13 59.26
C ARG C 10 30.93 27.42 58.67
N THR C 11 29.94 27.15 59.52
CA THR C 11 28.69 26.52 59.11
C THR C 11 27.90 27.43 58.18
N MET C 12 27.95 28.72 58.47
CA MET C 12 27.33 29.73 57.63
C MET C 12 27.76 29.53 56.19
N GLN C 13 29.07 29.51 55.99
CA GLN C 13 29.68 29.37 54.67
C GLN C 13 29.33 28.00 54.09
N ASN C 14 29.22 27.00 54.96
CA ASN C 14 28.81 25.67 54.53
C ASN C 14 27.39 25.66 54.01
N LEU C 15 26.59 26.62 54.46
CA LEU C 15 25.22 26.77 54.00
C LEU C 15 25.15 27.65 52.75
N GLU C 16 25.89 28.75 52.75
CA GLU C 16 25.94 29.63 51.59
C GLU C 16 26.22 28.81 50.33
N ILE C 17 27.02 27.75 50.48
CA ILE C 17 27.37 26.86 49.39
C ILE C 17 26.25 25.90 49.04
N GLU C 18 25.59 25.38 50.06
CA GLU C 18 24.43 24.53 49.87
C GLU C 18 23.40 25.30 49.05
N LEU C 19 23.23 26.58 49.40
CA LEU C 19 22.32 27.46 48.67
C LEU C 19 22.77 27.56 47.22
N GLN C 20 24.01 27.96 47.02
CA GLN C 20 24.60 28.02 45.69
C GLN C 20 24.28 26.75 44.94
N SER C 21 24.57 25.63 45.57
CA SER C 21 24.30 24.33 44.97
C SER C 21 22.83 24.15 44.59
N GLN C 22 21.94 24.68 45.42
CA GLN C 22 20.51 24.58 45.19
C GLN C 22 19.98 25.56 44.11
N LEU C 23 20.66 26.69 43.96
CA LEU C 23 20.27 27.66 42.94
C LEU C 23 20.77 27.22 41.60
N SER C 24 21.96 26.62 41.60
CA SER C 24 22.53 26.04 40.40
C SER C 24 21.67 24.85 40.00
N MET C 25 21.08 24.20 40.99
CA MET C 25 20.21 23.06 40.78
C MET C 25 18.88 23.51 40.18
N LYS C 26 18.33 24.57 40.76
CA LYS C 26 17.08 25.15 40.30
C LYS C 26 17.23 25.70 38.87
N ALA C 27 18.38 26.29 38.59
CA ALA C 27 18.66 26.88 37.29
C ALA C 27 18.65 25.85 36.17
N SER C 28 19.18 24.67 36.47
CA SER C 28 19.31 23.61 35.49
C SER C 28 17.98 22.86 35.29
N LEU C 29 17.11 22.91 36.29
CA LEU C 29 15.77 22.34 36.18
C LEU C 29 14.87 23.23 35.34
N GLU C 30 14.93 24.53 35.60
CA GLU C 30 14.16 25.52 34.87
C GLU C 30 14.44 25.39 33.38
N ASN C 31 15.71 25.52 33.01
CA ASN C 31 16.11 25.33 31.61
C ASN C 31 15.63 23.98 31.09
N SER C 32 15.69 22.94 31.94
CA SER C 32 15.27 21.59 31.54
C SER C 32 13.80 21.49 31.10
N LEU C 33 12.92 22.15 31.84
CA LEU C 33 11.50 22.09 31.54
C LEU C 33 11.15 22.92 30.29
N GLU C 34 11.67 24.13 30.21
CA GLU C 34 11.45 24.97 29.03
C GLU C 34 11.87 24.23 27.76
N GLU C 35 12.78 23.27 27.91
CA GLU C 35 13.31 22.51 26.78
C GLU C 35 12.44 21.28 26.45
N THR C 36 11.98 20.59 27.48
CA THR C 36 11.09 19.45 27.28
C THR C 36 9.82 19.94 26.61
N LYS C 37 9.19 20.94 27.21
CA LYS C 37 7.95 21.53 26.67
C LYS C 37 8.08 21.91 25.20
N GLY C 38 9.12 22.68 24.88
CA GLY C 38 9.35 23.10 23.51
C GLY C 38 9.51 21.93 22.55
N ARG C 39 10.49 21.07 22.82
CA ARG C 39 10.83 19.97 21.92
C ARG C 39 9.64 19.09 21.54
N TYR C 40 8.85 18.70 22.53
CA TYR C 40 7.65 17.91 22.26
C TYR C 40 6.68 18.65 21.35
N ALA C 41 6.38 19.90 21.70
CA ALA C 41 5.47 20.73 20.90
C ALA C 41 5.94 20.82 19.45
N MET C 42 7.26 20.76 19.28
CA MET C 42 7.86 20.85 17.95
C MET C 42 7.69 19.56 17.16
N GLN C 43 8.14 18.44 17.73
CA GLN C 43 7.97 17.14 17.11
C GLN C 43 6.51 16.94 16.77
N LEU C 44 5.66 17.35 17.71
CA LEU C 44 4.22 17.29 17.55
C LEU C 44 3.75 18.15 16.40
N ALA C 45 4.11 19.44 16.44
CA ALA C 45 3.77 20.36 15.37
C ALA C 45 4.12 19.76 14.01
N GLN C 46 5.31 19.17 13.91
CA GLN C 46 5.72 18.48 12.70
C GLN C 46 4.65 17.48 12.25
N ILE C 47 4.30 16.56 13.14
CA ILE C 47 3.34 15.49 12.82
C ILE C 47 1.98 16.04 12.41
N GLN C 48 1.45 16.98 13.17
CA GLN C 48 0.18 17.63 12.84
C GLN C 48 0.15 18.11 11.39
N GLU C 49 1.23 18.77 10.97
CA GLU C 49 1.32 19.32 9.62
C GLU C 49 1.34 18.22 8.55
N MET C 50 2.13 17.18 8.80
CA MET C 50 2.18 16.02 7.90
C MET C 50 0.79 15.43 7.81
N ILE C 51 0.17 15.30 8.97
CA ILE C 51 -1.18 14.76 9.08
C ILE C 51 -2.11 15.54 8.17
N GLY C 52 -2.13 16.86 8.34
CA GLY C 52 -2.93 17.73 7.51
C GLY C 52 -2.64 17.54 6.03
N SER C 53 -1.37 17.37 5.69
CA SER C 53 -0.97 17.13 4.30
C SER C 53 -1.70 15.92 3.75
N VAL C 54 -1.74 14.85 4.53
CA VAL C 54 -2.40 13.62 4.11
C VAL C 54 -3.92 13.75 4.12
N GLU C 55 -4.43 14.51 5.09
CA GLU C 55 -5.86 14.79 5.13
C GLU C 55 -6.30 15.61 3.92
N GLU C 56 -5.38 16.41 3.40
CA GLU C 56 -5.60 17.17 2.17
C GLU C 56 -5.52 16.26 0.95
N GLN C 57 -4.42 15.50 0.87
CA GLN C 57 -4.24 14.51 -0.18
C GLN C 57 -5.47 13.63 -0.28
N LEU C 58 -6.03 13.27 0.87
CA LEU C 58 -7.17 12.36 0.95
C LEU C 58 -8.47 13.01 0.49
N ALA C 59 -8.64 14.29 0.83
CA ALA C 59 -9.86 15.01 0.47
C ALA C 59 -10.08 15.07 -1.05
N GLN C 60 -9.01 15.30 -1.80
CA GLN C 60 -9.09 15.45 -3.25
C GLN C 60 -9.40 14.12 -3.95
N LEU C 61 -8.76 13.05 -3.48
CA LEU C 61 -8.98 11.72 -4.02
C LEU C 61 -10.44 11.33 -3.87
N ARG C 62 -11.03 11.67 -2.73
CA ARG C 62 -12.44 11.44 -2.46
C ARG C 62 -13.31 12.19 -3.48
N CYS C 63 -12.89 13.39 -3.85
CA CYS C 63 -13.63 14.22 -4.80
C CYS C 63 -13.58 13.64 -6.21
N GLU C 64 -12.44 13.04 -6.58
CA GLU C 64 -12.26 12.54 -7.94
C GLU C 64 -12.91 11.19 -8.15
N MET C 65 -12.99 10.41 -7.07
CA MET C 65 -13.67 9.13 -7.11
C MET C 65 -15.17 9.36 -7.30
N GLU C 66 -15.73 10.33 -6.57
CA GLU C 66 -17.08 10.81 -6.81
C GLU C 66 -17.26 11.18 -8.28
N GLN C 67 -16.32 11.96 -8.82
CA GLN C 67 -16.35 12.38 -10.21
C GLN C 67 -16.35 11.16 -11.12
N GLN C 68 -15.55 10.16 -10.76
CA GLN C 68 -15.40 8.93 -11.54
C GLN C 68 -16.67 8.10 -11.57
N ASN C 69 -17.50 8.27 -10.55
CA ASN C 69 -18.77 7.54 -10.47
C ASN C 69 -19.84 8.22 -11.29
N GLN C 70 -19.89 9.55 -11.20
CA GLN C 70 -20.77 10.33 -12.08
C GLN C 70 -20.55 9.86 -13.51
N GLU C 71 -19.28 9.88 -13.92
CA GLU C 71 -18.87 9.53 -15.28
C GLU C 71 -19.35 8.14 -15.66
N TYR C 72 -19.19 7.19 -14.74
CA TYR C 72 -19.62 5.81 -14.94
C TYR C 72 -21.13 5.73 -15.08
N LYS C 73 -21.85 6.35 -14.17
CA LYS C 73 -23.32 6.40 -14.24
C LYS C 73 -23.76 6.87 -15.62
N ILE C 74 -23.22 8.01 -16.03
CA ILE C 74 -23.54 8.61 -17.32
C ILE C 74 -23.27 7.63 -18.45
N LEU C 75 -22.06 7.07 -18.43
CA LEU C 75 -21.62 6.12 -19.44
C LEU C 75 -22.53 4.91 -19.51
N LEU C 76 -22.87 4.36 -18.34
CA LEU C 76 -23.83 3.26 -18.27
C LEU C 76 -25.17 3.68 -18.87
N ASP C 77 -25.64 4.87 -18.48
CA ASP C 77 -26.88 5.44 -19.01
C ASP C 77 -26.87 5.38 -20.54
N VAL C 78 -25.75 5.76 -21.13
CA VAL C 78 -25.63 5.81 -22.58
C VAL C 78 -25.54 4.42 -23.20
N LYS C 79 -24.74 3.55 -22.62
CA LYS C 79 -24.61 2.17 -23.09
C LYS C 79 -25.98 1.51 -23.13
N THR C 80 -26.79 1.79 -22.11
CA THR C 80 -28.13 1.25 -22.02
C THR C 80 -28.96 1.70 -23.22
N ARG C 81 -28.88 2.99 -23.52
CA ARG C 81 -29.56 3.57 -24.68
C ARG C 81 -29.21 2.77 -25.92
N LEU C 82 -27.94 2.45 -26.08
CA LEU C 82 -27.46 1.70 -27.23
C LEU C 82 -27.96 0.28 -27.17
N GLU C 83 -27.97 -0.29 -25.98
CA GLU C 83 -28.54 -1.61 -25.79
C GLU C 83 -29.98 -1.64 -26.31
N GLN C 84 -30.72 -0.56 -26.07
CA GLN C 84 -32.11 -0.49 -26.51
C GLN C 84 -32.23 -0.09 -27.97
N GLU C 85 -31.21 0.60 -28.47
CA GLU C 85 -31.20 1.01 -29.87
C GLU C 85 -31.03 -0.24 -30.73
N ILE C 86 -30.06 -1.08 -30.36
CA ILE C 86 -29.88 -2.36 -31.04
C ILE C 86 -31.08 -3.26 -30.81
N ALA C 87 -31.65 -3.16 -29.62
CA ALA C 87 -32.83 -3.96 -29.27
C ALA C 87 -33.89 -3.76 -30.33
N THR C 88 -34.11 -2.50 -30.70
CA THR C 88 -35.14 -2.13 -31.66
C THR C 88 -34.72 -2.38 -33.10
N TYR C 89 -33.47 -2.06 -33.44
CA TYR C 89 -32.96 -2.33 -34.77
C TYR C 89 -33.05 -3.83 -35.06
N ARG C 90 -32.57 -4.65 -34.12
CA ARG C 90 -32.58 -6.10 -34.28
C ARG C 90 -34.01 -6.65 -34.30
N ARG C 91 -34.95 -5.81 -33.86
CA ARG C 91 -36.35 -6.21 -33.81
C ARG C 91 -36.98 -6.14 -35.19
N LEU C 92 -36.70 -5.06 -35.92
CA LEU C 92 -37.27 -4.84 -37.25
C LEU C 92 -36.95 -5.96 -38.21
N LEU C 93 -35.75 -6.53 -38.08
CA LEU C 93 -35.25 -7.48 -39.05
C LEU C 93 -35.56 -8.93 -38.69
N GLU C 94 -36.67 -9.14 -38.00
CA GLU C 94 -37.13 -10.48 -37.68
C GLU C 94 -37.92 -11.07 -38.84
N GLY C 95 -38.66 -10.21 -39.53
CA GLY C 95 -39.46 -10.62 -40.68
C GLY C 95 -38.63 -11.16 -41.81
N LEU D 1 33.92 42.04 74.83
CA LEU D 1 33.07 41.78 75.99
C LEU D 1 31.59 41.90 75.66
N ARG D 2 31.27 42.75 74.70
CA ARG D 2 29.86 42.97 74.36
C ARG D 2 29.51 42.37 73.01
N ASN D 3 29.77 41.07 72.86
CA ASN D 3 29.62 40.41 71.58
C ASN D 3 28.46 39.39 71.47
N THR D 4 28.49 38.33 72.27
CA THR D 4 27.58 37.18 72.09
C THR D 4 26.07 37.45 72.22
N LYS D 5 25.66 38.19 73.23
CA LYS D 5 24.24 38.43 73.48
C LYS D 5 23.57 39.11 72.28
N HIS D 6 24.38 39.77 71.47
CA HIS D 6 23.90 40.45 70.27
C HIS D 6 24.38 39.75 68.98
N GLU D 7 25.68 39.43 68.93
CA GLU D 7 26.31 38.87 67.72
C GLU D 7 26.03 37.38 67.51
N ILE D 8 26.42 36.55 68.46
CA ILE D 8 26.14 35.13 68.35
C ILE D 8 24.64 34.95 68.15
N SER D 9 23.88 35.90 68.68
CA SER D 9 22.42 35.91 68.51
C SER D 9 22.03 36.08 67.04
N GLU D 10 22.66 37.03 66.37
CA GLU D 10 22.37 37.30 64.96
C GLU D 10 23.06 36.31 64.02
N MET D 11 24.26 35.86 64.36
CA MET D 11 24.98 34.87 63.56
C MET D 11 24.20 33.57 63.45
N ASN D 12 23.19 33.42 64.30
CA ASN D 12 22.36 32.22 64.32
C ASN D 12 20.94 32.51 63.83
N ARG D 13 20.49 33.73 64.03
CA ARG D 13 19.26 34.22 63.42
C ARG D 13 19.35 33.96 61.92
N MET D 14 20.51 34.31 61.35
CA MET D 14 20.79 34.13 59.92
C MET D 14 20.75 32.65 59.52
N ILE D 15 21.54 31.84 60.21
CA ILE D 15 21.68 30.42 59.90
C ILE D 15 20.34 29.66 59.80
N GLN D 16 19.36 30.02 60.64
CA GLN D 16 18.03 29.41 60.54
C GLN D 16 17.21 29.91 59.36
N ARG D 17 17.29 31.21 59.09
CA ARG D 17 16.63 31.79 57.93
C ARG D 17 17.19 31.16 56.65
N LEU D 18 18.51 30.94 56.64
CA LEU D 18 19.20 30.34 55.49
C LEU D 18 18.74 28.89 55.26
N ARG D 19 18.60 28.15 56.35
CA ARG D 19 18.12 26.77 56.26
C ARG D 19 16.68 26.72 55.77
N ALA D 20 15.87 27.68 56.22
CA ALA D 20 14.48 27.76 55.81
C ALA D 20 14.38 28.11 54.33
N GLU D 21 15.27 28.98 53.89
CA GLU D 21 15.36 29.35 52.48
C GLU D 21 15.74 28.14 51.62
N ILE D 22 16.79 27.43 52.04
CA ILE D 22 17.28 26.26 51.31
C ILE D 22 16.22 25.13 51.25
N ASP D 23 15.48 24.97 52.35
CA ASP D 23 14.45 23.94 52.44
C ASP D 23 13.21 24.28 51.62
N ASN D 24 13.09 25.55 51.21
CA ASN D 24 12.00 25.95 50.33
C ASN D 24 12.43 25.81 48.87
N VAL D 25 13.73 25.94 48.61
CA VAL D 25 14.29 25.66 47.27
C VAL D 25 14.24 24.16 46.96
N LYS D 26 14.50 23.35 47.97
CA LYS D 26 14.39 21.90 47.85
C LYS D 26 12.96 21.50 47.46
N LYS D 27 11.98 22.08 48.15
CA LYS D 27 10.57 21.85 47.84
C LYS D 27 10.28 22.27 46.39
N GLN D 28 10.85 23.40 45.99
CA GLN D 28 10.63 23.93 44.64
C GLN D 28 11.23 23.03 43.56
N CYS D 29 12.49 22.65 43.74
CA CYS D 29 13.13 21.74 42.80
C CYS D 29 12.33 20.44 42.70
N ALA D 30 11.65 20.08 43.79
CA ALA D 30 10.78 18.91 43.80
C ALA D 30 9.55 19.12 42.93
N ASN D 31 8.88 20.24 43.14
CA ASN D 31 7.74 20.61 42.30
C ASN D 31 8.12 20.53 40.83
N LEU D 32 9.28 21.12 40.50
CA LEU D 32 9.77 21.16 39.13
C LEU D 32 9.91 19.79 38.47
N GLN D 33 10.47 18.83 39.19
CA GLN D 33 10.72 17.51 38.62
C GLN D 33 9.41 16.84 38.22
N ASN D 34 8.45 16.81 39.15
CA ASN D 34 7.15 16.21 38.90
C ASN D 34 6.49 16.91 37.72
N ALA D 35 6.80 18.19 37.54
CA ALA D 35 6.30 18.98 36.42
C ALA D 35 6.91 18.49 35.12
N ILE D 36 8.23 18.49 35.09
CA ILE D 36 8.96 17.92 33.97
C ILE D 36 8.50 16.49 33.71
N ALA D 37 8.44 15.70 34.78
CA ALA D 37 7.97 14.32 34.70
C ALA D 37 6.64 14.23 33.97
N ASP D 38 5.72 15.14 34.32
CA ASP D 38 4.40 15.18 33.71
C ASP D 38 4.47 15.72 32.29
N ALA D 39 5.30 16.74 32.08
CA ALA D 39 5.55 17.24 30.73
C ALA D 39 5.88 16.08 29.82
N GLU D 40 6.98 15.39 30.10
CA GLU D 40 7.36 14.22 29.33
C GLU D 40 6.14 13.37 29.04
N GLN D 41 5.50 12.90 30.12
CA GLN D 41 4.31 12.07 30.02
C GLN D 41 3.37 12.54 28.91
N ARG D 42 2.81 13.72 29.13
CA ARG D 42 1.90 14.31 28.16
C ARG D 42 2.53 14.31 26.78
N GLY D 43 3.69 14.95 26.68
CA GLY D 43 4.37 15.08 25.42
C GLY D 43 4.48 13.75 24.71
N GLU D 44 5.16 12.80 25.35
CA GLU D 44 5.35 11.48 24.78
C GLU D 44 4.02 10.95 24.26
N LEU D 45 3.04 10.91 25.15
CA LEU D 45 1.72 10.43 24.80
C LEU D 45 1.17 11.17 23.57
N ALA D 46 1.22 12.51 23.60
CA ALA D 46 0.73 13.33 22.48
C ALA D 46 1.38 12.92 21.17
N LEU D 47 2.70 12.77 21.17
CA LEU D 47 3.39 12.28 19.99
C LEU D 47 2.79 10.94 19.57
N LYS D 48 2.56 10.07 20.55
CA LYS D 48 1.95 8.78 20.26
C LYS D 48 0.65 8.97 19.50
N ASP D 49 -0.20 9.86 20.01
CA ASP D 49 -1.49 10.14 19.39
C ASP D 49 -1.36 10.64 17.96
N ALA D 50 -0.44 11.57 17.76
CA ALA D 50 -0.23 12.15 16.45
C ALA D 50 0.23 11.05 15.50
N ARG D 51 1.34 10.39 15.86
CA ARG D 51 1.92 9.36 15.01
C ARG D 51 0.88 8.37 14.49
N ASN D 52 -0.13 8.07 15.32
CA ASN D 52 -1.12 7.05 14.97
C ASN D 52 -2.21 7.49 14.01
N LYS D 53 -2.71 8.72 14.20
CA LYS D 53 -3.66 9.29 13.25
C LYS D 53 -3.01 9.19 11.88
N LEU D 54 -1.87 9.87 11.75
CA LEU D 54 -1.07 9.87 10.53
C LEU D 54 -1.01 8.47 9.93
N ALA D 55 -0.65 7.50 10.76
CA ALA D 55 -0.51 6.13 10.29
C ALA D 55 -1.82 5.56 9.77
N GLU D 56 -2.90 5.82 10.51
CA GLU D 56 -4.23 5.36 10.09
C GLU D 56 -4.74 6.12 8.87
N LEU D 57 -4.26 7.35 8.70
CA LEU D 57 -4.57 8.15 7.52
C LEU D 57 -3.93 7.56 6.26
N GLU D 58 -2.62 7.37 6.32
CA GLU D 58 -1.88 6.78 5.20
C GLU D 58 -2.53 5.47 4.78
N GLU D 59 -3.00 4.71 5.76
CA GLU D 59 -3.71 3.46 5.51
C GLU D 59 -4.93 3.70 4.61
N ALA D 60 -5.65 4.79 4.88
CA ALA D 60 -6.83 5.15 4.10
C ALA D 60 -6.44 5.58 2.69
N LEU D 61 -5.32 6.30 2.60
CA LEU D 61 -4.84 6.81 1.33
C LEU D 61 -4.48 5.67 0.39
N GLN D 62 -3.81 4.67 0.93
CA GLN D 62 -3.47 3.49 0.17
C GLN D 62 -4.75 2.87 -0.35
N LYS D 63 -5.70 2.65 0.56
CA LYS D 63 -7.01 2.15 0.20
C LYS D 63 -7.62 2.95 -0.93
N ALA D 64 -7.99 4.19 -0.63
CA ALA D 64 -8.57 5.10 -1.61
C ALA D 64 -7.87 5.09 -2.97
N LYS D 65 -6.54 5.21 -2.96
CA LYS D 65 -5.77 5.10 -4.19
C LYS D 65 -6.14 3.82 -4.90
N GLN D 66 -6.10 2.71 -4.16
CA GLN D 66 -6.38 1.40 -4.72
C GLN D 66 -7.83 1.25 -5.20
N ASP D 67 -8.75 1.90 -4.48
CA ASP D 67 -10.15 1.85 -4.84
C ASP D 67 -10.38 2.63 -6.12
N MET D 68 -9.76 3.80 -6.21
CA MET D 68 -9.86 4.62 -7.40
C MET D 68 -9.37 3.85 -8.61
N ALA D 69 -8.21 3.22 -8.46
CA ALA D 69 -7.65 2.39 -9.51
C ALA D 69 -8.71 1.45 -10.09
N ARG D 70 -9.54 0.90 -9.20
CA ARG D 70 -10.55 -0.08 -9.58
C ARG D 70 -11.72 0.56 -10.31
N LEU D 71 -12.06 1.77 -9.92
CA LEU D 71 -13.17 2.50 -10.54
C LEU D 71 -12.88 2.76 -12.01
N LEU D 72 -11.60 3.01 -12.31
CA LEU D 72 -11.17 3.28 -13.67
C LEU D 72 -11.18 1.98 -14.47
N ARG D 73 -10.84 0.88 -13.79
CA ARG D 73 -10.96 -0.43 -14.40
C ARG D 73 -12.44 -0.70 -14.71
N GLU D 74 -13.31 -0.45 -13.74
CA GLU D 74 -14.76 -0.60 -13.95
C GLU D 74 -15.21 0.26 -15.14
N TYR D 75 -14.77 1.53 -15.13
CA TYR D 75 -15.14 2.47 -16.18
C TYR D 75 -14.67 1.98 -17.55
N GLN D 76 -13.39 1.64 -17.66
CA GLN D 76 -12.81 1.17 -18.92
C GLN D 76 -13.58 0.03 -19.56
N GLU D 77 -13.84 -1.03 -18.80
CA GLU D 77 -14.58 -2.18 -19.32
C GLU D 77 -15.95 -1.78 -19.84
N LEU D 78 -16.65 -0.93 -19.08
CA LEU D 78 -17.95 -0.40 -19.48
C LEU D 78 -17.85 0.36 -20.81
N MET D 79 -16.72 1.02 -21.02
CA MET D 79 -16.48 1.74 -22.27
C MET D 79 -16.23 0.81 -23.45
N ASN D 80 -15.36 -0.16 -23.27
CA ASN D 80 -15.14 -1.17 -24.29
C ASN D 80 -16.49 -1.66 -24.75
N THR D 81 -17.34 -1.97 -23.77
CA THR D 81 -18.72 -2.37 -24.03
C THR D 81 -19.50 -1.35 -24.86
N LYS D 82 -19.61 -0.12 -24.34
CA LYS D 82 -20.35 0.95 -24.98
C LYS D 82 -19.85 1.21 -26.41
N LEU D 83 -18.54 1.34 -26.56
CA LEU D 83 -17.94 1.52 -27.88
C LEU D 83 -18.22 0.36 -28.84
N ALA D 84 -18.26 -0.85 -28.30
CA ALA D 84 -18.57 -2.04 -29.09
C ALA D 84 -20.00 -1.99 -29.65
N LEU D 85 -20.89 -1.39 -28.87
CA LEU D 85 -22.27 -1.19 -29.31
C LEU D 85 -22.33 -0.16 -30.44
N ASP D 86 -21.37 0.75 -30.46
CA ASP D 86 -21.28 1.77 -31.51
C ASP D 86 -21.10 1.13 -32.89
N VAL D 87 -20.22 0.15 -32.95
CA VAL D 87 -19.85 -0.48 -34.21
C VAL D 87 -20.84 -1.59 -34.57
N GLU D 88 -21.67 -1.96 -33.59
CA GLU D 88 -22.75 -2.90 -33.82
C GLU D 88 -23.94 -2.14 -34.40
N ILE D 89 -24.22 -0.96 -33.84
CA ILE D 89 -25.24 -0.05 -34.36
C ILE D 89 -24.93 0.36 -35.80
N ALA D 90 -23.65 0.56 -36.07
CA ALA D 90 -23.19 0.97 -37.40
C ALA D 90 -23.49 -0.12 -38.44
N THR D 91 -23.15 -1.37 -38.11
CA THR D 91 -23.42 -2.49 -39.00
C THR D 91 -24.91 -2.61 -39.32
N TYR D 92 -25.76 -2.07 -38.46
CA TYR D 92 -27.21 -2.20 -38.62
C TYR D 92 -27.84 -0.98 -39.31
N ARG D 93 -27.28 0.20 -39.07
CA ARG D 93 -27.73 1.40 -39.76
C ARG D 93 -27.47 1.26 -41.26
N LYS D 94 -26.33 0.66 -41.59
CA LYS D 94 -25.96 0.41 -42.97
C LYS D 94 -26.88 -0.60 -43.63
N LEU D 95 -27.15 -1.70 -42.92
CA LEU D 95 -28.04 -2.75 -43.43
C LEU D 95 -29.40 -2.16 -43.82
N LEU D 96 -29.89 -1.22 -43.01
CA LEU D 96 -31.14 -0.54 -43.30
C LEU D 96 -31.07 0.31 -44.57
N GLU D 97 -29.94 0.97 -44.80
CA GLU D 97 -29.79 1.86 -45.95
C GLU D 97 -29.41 1.10 -47.21
N GLY D 98 -28.54 0.10 -47.06
CA GLY D 98 -28.09 -0.70 -48.18
C GLY D 98 -26.59 -0.61 -48.38
#